data_6HN2
#
_entry.id   6HN2
#
_cell.length_a   82.056
_cell.length_b   112.364
_cell.length_c   62.441
_cell.angle_alpha   90.000
_cell.angle_beta   90.000
_cell.angle_gamma   90.000
#
_symmetry.space_group_name_H-M   'C 2 2 21'
#
loop_
_entity.id
_entity.type
_entity.pdbx_description
1 polymer '14-3-3 protein sigma'
2 polymer 'Estrogen Receptor'
3 non-polymer 'MAGNESIUM ION'
4 non-polymer 2-(3,4-dichlorophenyl)-~{N}-(2-sulfanylethyl)ethanamide
5 water water
#
loop_
_entity_poly.entity_id
_entity_poly.type
_entity_poly.pdbx_seq_one_letter_code
_entity_poly.pdbx_strand_id
1 'polypeptide(L)'
;GAMGSMERASLIQKAKLAEQAERYEDMAAFMKGAVEKGEELSNEERCLLSVAYKNVVGGQRAAWRVLSSIEQKSNEEGSE
EKGPEVREYREKVETELQGVCDTVLGLLDSHLIKEAGDAESRVFYLKMKGDYYRYLAEVATGDDKKRIIDSARSAYQEAM
DISKKEMPPTNPIRLGLALNFSVFHYEIANSPEEAISLAKTTFDEAMADLHTLSEDSYKDSTLIMQLLRDNLTLWT
;
A
2 'polypeptide(L)' AEGFPA(TPO)V B
#
loop_
_chem_comp.id
_chem_comp.type
_chem_comp.name
_chem_comp.formula
GF8 non-polymer 2-(3,4-dichlorophenyl)-~{N}-(2-sulfanylethyl)ethanamide 'C10 H11 Cl2 N O S'
MG non-polymer 'MAGNESIUM ION' 'Mg 2'
#
# COMPACT_ATOMS: atom_id res chain seq x y z
N GLY A 1 -11.72 -20.98 -1.03
CA GLY A 1 -10.78 -21.32 -2.09
C GLY A 1 -9.95 -22.54 -1.76
N ALA A 2 -8.78 -22.64 -2.40
CA ALA A 2 -7.91 -23.80 -2.18
C ALA A 2 -7.38 -23.88 -0.76
N MET A 3 -7.52 -22.84 0.05
CA MET A 3 -7.07 -22.89 1.44
C MET A 3 -8.19 -23.24 2.41
N GLY A 4 -9.40 -23.49 1.89
CA GLY A 4 -10.54 -23.72 2.76
C GLY A 4 -10.40 -24.89 3.69
N SER A 5 -9.61 -25.90 3.30
CA SER A 5 -9.43 -27.09 4.14
C SER A 5 -8.27 -26.97 5.13
N MET A 6 -7.50 -25.88 5.12
CA MET A 6 -6.38 -25.76 6.02
C MET A 6 -6.77 -24.94 7.24
N GLU A 7 -6.29 -25.38 8.42
CA GLU A 7 -6.54 -24.66 9.66
C GLU A 7 -6.04 -23.22 9.59
N ARG A 8 -6.82 -22.32 10.19
CA ARG A 8 -6.40 -20.93 10.29
C ARG A 8 -4.99 -20.81 10.88
N ALA A 9 -4.74 -21.52 11.98
CA ALA A 9 -3.43 -21.40 12.62
C ALA A 9 -2.32 -21.92 11.71
N SER A 10 -2.62 -22.97 10.96
CA SER A 10 -1.63 -23.53 10.02
C SER A 10 -1.36 -22.56 8.87
N LEU A 11 -2.39 -21.87 8.40
CA LEU A 11 -2.18 -20.84 7.38
C LEU A 11 -1.28 -19.73 7.90
N ILE A 12 -1.49 -19.29 9.15
CA ILE A 12 -0.64 -18.25 9.70
C ILE A 12 0.79 -18.75 9.86
N GLN A 13 0.96 -19.98 10.36
CA GLN A 13 2.28 -20.56 10.50
C GLN A 13 3.00 -20.62 9.15
N LYS A 14 2.29 -21.06 8.11
CA LYS A 14 2.92 -21.17 6.81
C LYS A 14 3.17 -19.81 6.17
N ALA A 15 2.35 -18.80 6.46
CA ALA A 15 2.66 -17.47 5.97
C ALA A 15 4.00 -17.00 6.52
N LYS A 16 4.25 -17.27 7.81
CA LYS A 16 5.52 -16.88 8.42
C LYS A 16 6.68 -17.65 7.82
N LEU A 17 6.48 -18.95 7.54
CA LEU A 17 7.51 -19.73 6.86
C LEU A 17 7.78 -19.18 5.46
N ALA A 18 6.72 -18.86 4.71
CA ALA A 18 6.89 -18.32 3.37
C ALA A 18 7.65 -16.99 3.41
N GLU A 19 7.36 -16.14 4.40
CA GLU A 19 8.13 -14.92 4.53
C GLU A 19 9.62 -15.21 4.74
N GLN A 20 9.94 -16.20 5.59
CA GLN A 20 11.33 -16.53 5.82
C GLN A 20 11.99 -17.03 4.55
N ALA A 21 11.24 -17.72 3.71
CA ALA A 21 11.73 -18.26 2.45
C ALA A 21 11.65 -17.25 1.31
N GLU A 22 11.17 -16.04 1.59
CA GLU A 22 10.97 -14.99 0.58
C GLU A 22 10.04 -15.47 -0.54
N ARG A 23 9.02 -16.24 -0.17
CA ARG A 23 8.02 -16.76 -1.09
C ARG A 23 6.73 -15.96 -0.89
N TYR A 24 6.70 -14.76 -1.47
CA TYR A 24 5.66 -13.81 -1.09
C TYR A 24 4.32 -14.11 -1.75
N GLU A 25 4.33 -14.70 -2.95
CA GLU A 25 3.08 -15.18 -3.53
C GLU A 25 2.45 -16.23 -2.64
N ASP A 26 3.23 -17.21 -2.18
CA ASP A 26 2.71 -18.17 -1.21
C ASP A 26 2.21 -17.47 0.04
N MET A 27 3.02 -16.56 0.57
CA MET A 27 2.64 -15.86 1.79
C MET A 27 1.29 -15.19 1.64
N ALA A 28 1.07 -14.56 0.47
CA ALA A 28 -0.18 -13.85 0.25
C ALA A 28 -1.34 -14.82 0.11
N ALA A 29 -1.13 -15.95 -0.58
CA ALA A 29 -2.21 -16.93 -0.69
C ALA A 29 -2.57 -17.52 0.67
N PHE A 30 -1.57 -17.75 1.53
CA PHE A 30 -1.87 -18.23 2.87
C PHE A 30 -2.65 -17.19 3.66
N MET A 31 -2.25 -15.93 3.56
CA MET A 31 -2.94 -14.89 4.34
C MET A 31 -4.34 -14.64 3.79
N LYS A 32 -4.53 -14.72 2.47
CA LYS A 32 -5.88 -14.68 1.92
C LYS A 32 -6.74 -15.79 2.51
N GLY A 33 -6.20 -17.01 2.55
CA GLY A 33 -6.93 -18.11 3.17
C GLY A 33 -7.27 -17.84 4.63
N ALA A 34 -6.33 -17.26 5.38
CA ALA A 34 -6.59 -16.91 6.78
C ALA A 34 -7.69 -15.86 6.91
N VAL A 35 -7.64 -14.81 6.09
CA VAL A 35 -8.69 -13.80 6.15
C VAL A 35 -10.04 -14.43 5.87
N GLU A 36 -10.11 -15.32 4.87
CA GLU A 36 -11.38 -15.89 4.49
C GLU A 36 -11.95 -16.86 5.51
N LYS A 37 -11.22 -17.16 6.59
CA LYS A 37 -11.82 -17.87 7.72
C LYS A 37 -12.86 -17.04 8.43
N GLY A 38 -12.87 -15.73 8.23
CA GLY A 38 -13.93 -14.88 8.72
C GLY A 38 -13.69 -14.28 10.09
N GLU A 39 -12.65 -14.69 10.78
CA GLU A 39 -12.30 -14.08 12.06
C GLU A 39 -11.48 -12.81 11.82
N GLU A 40 -11.58 -11.89 12.78
CA GLU A 40 -10.77 -10.67 12.71
C GLU A 40 -9.28 -11.03 12.81
N LEU A 41 -8.42 -10.13 12.34
CA LEU A 41 -6.98 -10.32 12.37
C LEU A 41 -6.36 -9.59 13.55
N SER A 42 -5.36 -10.22 14.17
CA SER A 42 -4.54 -9.56 15.17
C SER A 42 -3.59 -8.54 14.53
N ASN A 43 -2.89 -7.77 15.38
CA ASN A 43 -1.91 -6.82 14.87
C ASN A 43 -0.85 -7.52 14.03
N GLU A 44 -0.31 -8.61 14.55
CA GLU A 44 0.74 -9.34 13.84
C GLU A 44 0.20 -9.89 12.52
N GLU A 45 -1.04 -10.39 12.53
CA GLU A 45 -1.59 -10.98 11.31
C GLU A 45 -1.89 -9.92 10.25
N ARG A 46 -2.31 -8.73 10.68
CA ARG A 46 -2.45 -7.63 9.74
C ARG A 46 -1.11 -7.31 9.10
N CYS A 47 -0.03 -7.34 9.88
CA CYS A 47 1.28 -7.13 9.32
C CYS A 47 1.63 -8.20 8.29
N LEU A 48 1.31 -9.46 8.59
CA LEU A 48 1.63 -10.53 7.64
C LEU A 48 0.88 -10.32 6.33
N LEU A 49 -0.40 -9.96 6.42
CA LEU A 49 -1.19 -9.71 5.22
C LEU A 49 -0.59 -8.58 4.39
N SER A 50 -0.26 -7.45 5.06
CA SER A 50 0.22 -6.29 4.31
C SER A 50 1.60 -6.54 3.72
N VAL A 51 2.49 -7.18 4.47
CA VAL A 51 3.84 -7.50 3.94
C VAL A 51 3.74 -8.38 2.71
N ALA A 52 2.89 -9.41 2.78
CA ALA A 52 2.75 -10.36 1.67
C ALA A 52 2.33 -9.66 0.39
N TYR A 53 1.20 -8.94 0.45
CA TYR A 53 0.71 -8.33 -0.78
C TYR A 53 1.56 -7.14 -1.20
N LYS A 54 2.20 -6.43 -0.25
CA LYS A 54 3.07 -5.33 -0.63
C LYS A 54 4.23 -5.83 -1.50
N ASN A 55 4.79 -6.98 -1.13
CA ASN A 55 5.89 -7.55 -1.89
C ASN A 55 5.42 -8.07 -3.23
N VAL A 56 4.25 -8.70 -3.27
CA VAL A 56 3.75 -9.23 -4.54
C VAL A 56 3.47 -8.10 -5.52
N VAL A 57 2.68 -7.12 -5.09
CA VAL A 57 2.32 -6.02 -5.99
C VAL A 57 3.52 -5.14 -6.25
N GLY A 58 4.47 -5.06 -5.30
CA GLY A 58 5.66 -4.25 -5.53
C GLY A 58 6.50 -4.80 -6.68
N GLY A 59 6.65 -6.12 -6.74
CA GLY A 59 7.32 -6.72 -7.88
C GLY A 59 6.57 -6.49 -9.19
N GLN A 60 5.24 -6.56 -9.16
CA GLN A 60 4.47 -6.30 -10.37
C GLN A 60 4.62 -4.86 -10.82
N ARG A 61 4.56 -3.91 -9.88
CA ARG A 61 4.72 -2.51 -10.24
C ARG A 61 6.09 -2.27 -10.85
N ALA A 62 7.14 -2.85 -10.26
CA ALA A 62 8.48 -2.67 -10.80
C ALA A 62 8.55 -3.19 -12.24
N ALA A 63 7.95 -4.37 -12.47
CA ALA A 63 7.94 -4.94 -13.81
C ALA A 63 7.14 -4.10 -14.78
N TRP A 64 5.95 -3.64 -14.35
CA TRP A 64 5.12 -2.78 -15.19
C TRP A 64 5.88 -1.51 -15.59
N ARG A 65 6.64 -0.93 -14.66
CA ARG A 65 7.37 0.30 -14.99
C ARG A 65 8.46 0.04 -16.03
N VAL A 66 9.16 -1.09 -15.90
CA VAL A 66 10.14 -1.46 -16.93
C VAL A 66 9.49 -1.56 -18.29
N LEU A 67 8.36 -2.29 -18.36
CA LEU A 67 7.72 -2.52 -19.65
C LEU A 67 7.09 -1.25 -20.20
N SER A 68 6.47 -0.43 -19.34
CA SER A 68 5.90 0.83 -19.81
C SER A 68 6.97 1.74 -20.39
N SER A 69 8.15 1.74 -19.77
CA SER A 69 9.26 2.53 -20.29
C SER A 69 9.66 2.06 -21.67
N ILE A 70 9.84 0.74 -21.84
CA ILE A 70 10.17 0.19 -23.16
C ILE A 70 9.08 0.55 -24.16
N GLU A 71 7.82 0.46 -23.75
CA GLU A 71 6.70 0.73 -24.65
C GLU A 71 6.70 2.18 -25.10
N GLN A 72 6.97 3.11 -24.19
CA GLN A 72 6.94 4.52 -24.57
C GLN A 72 8.15 4.88 -25.42
N LYS A 73 9.31 4.26 -25.18
CA LYS A 73 10.44 4.42 -26.10
C LYS A 73 10.08 3.97 -27.50
N SER A 74 9.38 2.82 -27.62
CA SER A 74 9.01 2.29 -28.92
C SER A 74 8.07 3.23 -29.67
N ASN A 75 7.37 4.11 -28.97
CA ASN A 75 6.42 5.02 -29.59
C ASN A 75 7.03 6.40 -29.87
N GLU A 76 8.34 6.56 -29.65
CA GLU A 76 9.02 7.81 -29.97
C GLU A 76 9.32 7.89 -31.46
N GLU A 77 9.74 9.08 -31.90
CA GLU A 77 10.08 9.28 -33.30
C GLU A 77 11.39 8.59 -33.66
N GLY A 78 11.41 7.92 -34.81
CA GLY A 78 12.58 7.20 -35.25
C GLY A 78 12.71 5.80 -34.70
N SER A 79 11.79 5.37 -33.85
CA SER A 79 11.83 4.02 -33.30
C SER A 79 11.22 3.05 -34.30
N GLU A 80 11.86 1.89 -34.46
CA GLU A 80 11.35 0.90 -35.39
C GLU A 80 10.08 0.25 -34.86
N GLU A 81 9.17 -0.07 -35.79
CA GLU A 81 7.98 -0.82 -35.44
C GLU A 81 8.38 -2.24 -35.04
N LYS A 82 8.09 -2.62 -33.81
CA LYS A 82 8.42 -3.97 -33.33
C LYS A 82 7.20 -4.86 -33.21
N GLY A 83 6.01 -4.37 -33.53
CA GLY A 83 4.80 -5.14 -33.43
C GLY A 83 4.07 -4.91 -32.13
N PRO A 84 3.05 -5.72 -31.86
CA PRO A 84 2.21 -5.52 -30.67
C PRO A 84 2.77 -6.13 -29.40
N GLU A 85 3.96 -6.75 -29.46
CA GLU A 85 4.39 -7.61 -28.36
C GLU A 85 4.63 -6.82 -27.07
N VAL A 86 5.25 -5.64 -27.16
CA VAL A 86 5.54 -4.88 -25.94
C VAL A 86 4.25 -4.46 -25.26
N ARG A 87 3.30 -3.92 -26.03
CA ARG A 87 2.00 -3.56 -25.47
C ARG A 87 1.30 -4.78 -24.89
N GLU A 88 1.32 -5.91 -25.61
CA GLU A 88 0.65 -7.11 -25.12
C GLU A 88 1.22 -7.56 -23.79
N TYR A 89 2.54 -7.57 -23.67
CA TYR A 89 3.13 -8.09 -22.44
C TYR A 89 2.99 -7.09 -21.31
N ARG A 90 3.09 -5.78 -21.60
CA ARG A 90 2.77 -4.80 -20.56
C ARG A 90 1.32 -4.96 -20.09
N GLU A 91 0.39 -5.19 -21.02
CA GLU A 91 -1.01 -5.43 -20.63
C GLU A 91 -1.15 -6.70 -19.80
N LYS A 92 -0.37 -7.74 -20.11
CA LYS A 92 -0.45 -8.96 -19.33
C LYS A 92 -0.04 -8.71 -17.88
N VAL A 93 1.09 -8.05 -17.69
CA VAL A 93 1.54 -7.72 -16.34
C VAL A 93 0.55 -6.79 -15.67
N GLU A 94 0.06 -5.80 -16.42
CA GLU A 94 -0.92 -4.85 -15.87
C GLU A 94 -2.18 -5.56 -15.39
N THR A 95 -2.66 -6.53 -16.16
CA THR A 95 -3.88 -7.25 -15.78
C THR A 95 -3.65 -8.09 -14.54
N GLU A 96 -2.47 -8.70 -14.42
CA GLU A 96 -2.16 -9.48 -13.23
C GLU A 96 -2.06 -8.58 -12.01
N LEU A 97 -1.46 -7.40 -12.17
CA LEU A 97 -1.40 -6.42 -11.08
C LEU A 97 -2.80 -6.01 -10.64
N GLN A 98 -3.65 -5.65 -11.60
CA GLN A 98 -5.02 -5.25 -11.27
C GLN A 98 -5.74 -6.38 -10.55
N GLY A 99 -5.45 -7.62 -10.94
CA GLY A 99 -6.08 -8.76 -10.29
C GLY A 99 -5.70 -8.86 -8.83
N VAL A 100 -4.42 -8.65 -8.51
CA VAL A 100 -3.97 -8.69 -7.13
C VAL A 100 -4.60 -7.54 -6.34
N CYS A 101 -4.63 -6.33 -6.92
CA CYS A 101 -5.25 -5.21 -6.22
C CYS A 101 -6.72 -5.48 -5.97
N ASP A 102 -7.43 -6.02 -6.96
CA ASP A 102 -8.85 -6.33 -6.76
C ASP A 102 -9.03 -7.37 -5.68
N THR A 103 -8.12 -8.34 -5.60
CA THR A 103 -8.20 -9.36 -4.55
C THR A 103 -8.05 -8.74 -3.17
N VAL A 104 -7.06 -7.87 -3.00
CA VAL A 104 -6.84 -7.22 -1.71
C VAL A 104 -8.03 -6.36 -1.35
N LEU A 105 -8.49 -5.54 -2.31
CA LEU A 105 -9.64 -4.69 -2.04
C LEU A 105 -10.86 -5.53 -1.72
N GLY A 106 -10.98 -6.70 -2.34
CA GLY A 106 -12.08 -7.59 -2.02
C GLY A 106 -12.02 -8.11 -0.59
N LEU A 107 -10.81 -8.42 -0.11
CA LEU A 107 -10.68 -8.88 1.28
C LEU A 107 -11.03 -7.76 2.24
N LEU A 108 -10.61 -6.53 1.93
CA LEU A 108 -10.94 -5.41 2.80
C LEU A 108 -12.44 -5.17 2.83
N ASP A 109 -13.10 -5.30 1.68
CA ASP A 109 -14.54 -5.06 1.59
C ASP A 109 -15.37 -6.22 2.12
N SER A 110 -14.81 -7.42 2.16
CA SER A 110 -15.53 -8.63 2.56
C SER A 110 -14.64 -9.51 3.46
N HIS A 111 -14.56 -9.19 4.75
CA HIS A 111 -15.31 -8.11 5.41
C HIS A 111 -14.44 -7.42 6.47
N LEU A 112 -13.16 -7.22 6.14
CA LEU A 112 -12.22 -6.76 7.15
C LEU A 112 -12.57 -5.37 7.68
N ILE A 113 -12.88 -4.42 6.80
CA ILE A 113 -13.09 -3.05 7.25
C ILE A 113 -14.35 -2.96 8.11
N LYS A 114 -15.45 -3.58 7.68
CA LYS A 114 -16.70 -3.38 8.41
C LYS A 114 -16.65 -3.97 9.81
N GLU A 115 -15.77 -4.93 10.06
CA GLU A 115 -15.64 -5.48 11.41
C GLU A 115 -14.54 -4.82 12.23
N ALA A 116 -13.79 -3.87 11.66
CA ALA A 116 -12.66 -3.26 12.36
C ALA A 116 -13.15 -2.03 13.12
N GLY A 117 -13.16 -2.13 14.44
CA GLY A 117 -13.68 -1.07 15.30
C GLY A 117 -12.61 -0.26 16.02
N ASP A 118 -11.50 -0.91 16.36
CA ASP A 118 -10.40 -0.19 17.00
C ASP A 118 -9.65 0.66 15.98
N ALA A 119 -9.11 1.78 16.45
CA ALA A 119 -8.39 2.68 15.55
C ALA A 119 -7.23 1.98 14.85
N GLU A 120 -6.47 1.16 15.60
CA GLU A 120 -5.28 0.54 15.01
C GLU A 120 -5.65 -0.38 13.85
N SER A 121 -6.78 -1.08 13.94
CA SER A 121 -7.15 -1.96 12.84
C SER A 121 -7.85 -1.18 11.73
N ARG A 122 -8.76 -0.28 12.09
CA ARG A 122 -9.53 0.43 11.06
C ARG A 122 -8.65 1.33 10.23
N VAL A 123 -7.75 2.09 10.87
CA VAL A 123 -6.84 2.95 10.12
C VAL A 123 -5.93 2.11 9.23
N PHE A 124 -5.44 0.98 9.75
CA PHE A 124 -4.58 0.10 8.97
C PHE A 124 -5.28 -0.36 7.69
N TYR A 125 -6.52 -0.84 7.82
CA TYR A 125 -7.22 -1.36 6.65
C TYR A 125 -7.59 -0.25 5.68
N LEU A 126 -7.96 0.92 6.19
CA LEU A 126 -8.29 2.01 5.27
C LEU A 126 -7.05 2.52 4.55
N LYS A 127 -5.90 2.56 5.23
CA LYS A 127 -4.65 2.86 4.53
C LYS A 127 -4.41 1.84 3.42
N MET A 128 -4.59 0.55 3.71
CA MET A 128 -4.42 -0.46 2.67
C MET A 128 -5.36 -0.21 1.50
N LYS A 129 -6.62 0.13 1.79
CA LYS A 129 -7.56 0.42 0.72
C LYS A 129 -7.07 1.59 -0.12
N GLY A 130 -6.58 2.65 0.52
CA GLY A 130 -5.99 3.74 -0.24
C GLY A 130 -4.80 3.31 -1.07
N ASP A 131 -3.94 2.47 -0.51
CA ASP A 131 -2.76 2.01 -1.22
C ASP A 131 -3.13 1.23 -2.48
N TYR A 132 -4.08 0.29 -2.39
CA TYR A 132 -4.33 -0.58 -3.53
C TYR A 132 -5.18 0.12 -4.60
N TYR A 133 -6.02 1.09 -4.21
CA TYR A 133 -6.57 1.97 -5.22
C TYR A 133 -5.48 2.84 -5.84
N ARG A 134 -4.49 3.26 -5.05
CA ARG A 134 -3.38 4.03 -5.60
C ARG A 134 -2.64 3.22 -6.65
N TYR A 135 -2.41 1.94 -6.41
CA TYR A 135 -1.73 1.11 -7.41
C TYR A 135 -2.58 0.93 -8.65
N LEU A 136 -3.90 0.79 -8.49
CA LEU A 136 -4.77 0.77 -9.66
C LEU A 136 -4.67 2.08 -10.42
N ALA A 137 -4.60 3.21 -9.69
CA ALA A 137 -4.52 4.51 -10.34
C ALA A 137 -3.24 4.66 -11.15
N GLU A 138 -2.14 4.06 -10.69
CA GLU A 138 -0.87 4.19 -11.39
C GLU A 138 -0.95 3.66 -12.82
N VAL A 139 -1.79 2.67 -13.08
CA VAL A 139 -1.90 2.06 -14.40
C VAL A 139 -3.20 2.43 -15.11
N ALA A 140 -4.05 3.25 -14.48
CA ALA A 140 -5.35 3.58 -15.05
C ALA A 140 -5.23 4.61 -16.16
N THR A 141 -6.02 4.40 -17.23
CA THR A 141 -6.08 5.35 -18.35
C THR A 141 -7.48 5.55 -18.93
N GLY A 142 -8.52 4.92 -18.38
CA GLY A 142 -9.82 4.85 -19.01
C GLY A 142 -10.86 5.75 -18.40
N ASP A 143 -12.13 5.40 -18.64
CA ASP A 143 -13.27 6.23 -18.22
C ASP A 143 -13.32 6.39 -16.70
N ASP A 144 -12.84 5.40 -15.95
CA ASP A 144 -13.01 5.40 -14.50
C ASP A 144 -11.74 5.83 -13.76
N LYS A 145 -10.74 6.36 -14.47
CA LYS A 145 -9.48 6.74 -13.83
C LYS A 145 -9.70 7.78 -12.74
N LYS A 146 -10.52 8.80 -13.01
CA LYS A 146 -10.78 9.79 -11.96
C LYS A 146 -11.48 9.15 -10.77
N ARG A 147 -12.37 8.19 -11.02
CA ARG A 147 -13.07 7.56 -9.92
C ARG A 147 -12.13 6.66 -9.11
N ILE A 148 -11.14 6.03 -9.76
CA ILE A 148 -10.16 5.24 -9.01
C ILE A 148 -9.35 6.16 -8.11
N ILE A 149 -8.89 7.29 -8.65
CA ILE A 149 -8.14 8.26 -7.86
C ILE A 149 -8.97 8.74 -6.68
N ASP A 150 -10.25 9.04 -6.91
CA ASP A 150 -11.06 9.50 -5.79
C ASP A 150 -11.32 8.40 -4.77
N SER A 151 -11.40 7.14 -5.21
CA SER A 151 -11.52 6.03 -4.27
C SER A 151 -10.29 5.94 -3.36
N ALA A 152 -9.10 6.10 -3.94
CA ALA A 152 -7.89 6.16 -3.10
C ALA A 152 -7.96 7.32 -2.13
N ARG A 153 -8.27 8.50 -2.64
CA ARG A 153 -8.34 9.70 -1.80
C ARG A 153 -9.33 9.53 -0.66
N SER A 154 -10.52 9.00 -0.97
CA SER A 154 -11.55 8.85 0.06
C SER A 154 -11.11 7.90 1.16
N ALA A 155 -10.45 6.80 0.79
CA ALA A 155 -10.01 5.84 1.80
C ALA A 155 -8.93 6.46 2.67
N TYR A 156 -7.94 7.09 2.04
CA TYR A 156 -6.88 7.75 2.79
C TYR A 156 -7.46 8.82 3.72
N GLN A 157 -8.43 9.57 3.22
CA GLN A 157 -8.99 10.67 4.02
C GLN A 157 -9.71 10.16 5.25
N GLU A 158 -10.51 9.09 5.10
CA GLU A 158 -11.18 8.53 6.27
C GLU A 158 -10.16 8.00 7.27
N ALA A 159 -9.11 7.34 6.78
CA ALA A 159 -8.06 6.86 7.67
C ALA A 159 -7.39 8.03 8.39
N MET A 160 -7.14 9.13 7.68
CA MET A 160 -6.51 10.28 8.29
C MET A 160 -7.39 10.86 9.39
N ASP A 161 -8.69 10.99 9.10
CA ASP A 161 -9.59 11.59 10.08
C ASP A 161 -9.60 10.79 11.37
N ILE A 162 -9.69 9.45 11.25
CA ILE A 162 -9.65 8.60 12.44
C ILE A 162 -8.32 8.72 13.14
N SER A 163 -7.22 8.70 12.38
CA SER A 163 -5.90 8.66 12.99
C SER A 163 -5.63 9.94 13.77
N LYS A 164 -6.12 11.07 13.28
CA LYS A 164 -5.89 12.32 13.99
C LYS A 164 -6.71 12.39 15.26
N LYS A 165 -7.87 11.76 15.27
CA LYS A 165 -8.72 11.78 16.46
C LYS A 165 -8.27 10.76 17.50
N GLU A 166 -7.79 9.59 17.07
CA GLU A 166 -7.67 8.44 17.96
C GLU A 166 -6.24 7.97 18.22
N MET A 167 -5.24 8.49 17.54
CA MET A 167 -3.88 8.02 17.69
C MET A 167 -2.96 9.18 18.01
N PRO A 168 -1.90 8.94 18.77
CA PRO A 168 -0.89 9.98 18.97
C PRO A 168 -0.16 10.26 17.68
N PRO A 169 0.44 11.45 17.56
CA PRO A 169 1.10 11.80 16.30
C PRO A 169 2.35 10.98 16.01
N THR A 170 2.89 10.23 16.99
CA THR A 170 4.02 9.34 16.74
C THR A 170 3.61 7.91 16.41
N ASN A 171 2.32 7.59 16.45
CA ASN A 171 1.88 6.23 16.18
C ASN A 171 2.39 5.79 14.80
N PRO A 172 3.10 4.66 14.71
CA PRO A 172 3.69 4.29 13.40
C PRO A 172 2.67 4.09 12.30
N ILE A 173 1.46 3.63 12.62
CA ILE A 173 0.46 3.47 11.58
C ILE A 173 -0.01 4.84 11.09
N ARG A 174 -0.21 5.78 12.02
CA ARG A 174 -0.56 7.14 11.62
C ARG A 174 0.53 7.75 10.75
N LEU A 175 1.80 7.53 11.12
CA LEU A 175 2.90 8.08 10.34
C LEU A 175 2.97 7.44 8.96
N GLY A 176 2.82 6.12 8.90
CA GLY A 176 2.90 5.44 7.61
C GLY A 176 1.75 5.82 6.70
N LEU A 177 0.57 6.01 7.28
CA LEU A 177 -0.56 6.50 6.51
C LEU A 177 -0.27 7.86 5.91
N ALA A 178 0.27 8.77 6.72
CA ALA A 178 0.56 10.11 6.23
C ALA A 178 1.66 10.09 5.17
N LEU A 179 2.68 9.26 5.39
CA LEU A 179 3.70 9.06 4.36
C LEU A 179 3.09 8.70 3.03
N ASN A 180 2.20 7.70 3.01
CA ASN A 180 1.66 7.20 1.75
C ASN A 180 0.62 8.16 1.14
N PHE A 181 -0.20 8.80 1.98
CA PHE A 181 -1.16 9.78 1.46
C PHE A 181 -0.41 10.95 0.85
N SER A 182 0.71 11.33 1.45
CA SER A 182 1.54 12.39 0.87
C SER A 182 2.08 11.97 -0.49
N VAL A 183 2.53 10.73 -0.62
CA VAL A 183 2.98 10.25 -1.93
C VAL A 183 1.81 10.22 -2.91
N PHE A 184 0.62 9.84 -2.45
CA PHE A 184 -0.56 9.91 -3.31
C PHE A 184 -0.76 11.32 -3.84
N HIS A 185 -0.62 12.33 -2.97
CA HIS A 185 -0.75 13.71 -3.45
C HIS A 185 0.30 14.03 -4.50
N TYR A 186 1.55 13.61 -4.28
CA TYR A 186 2.65 14.02 -5.15
C TYR A 186 2.57 13.30 -6.49
N GLU A 187 2.34 12.00 -6.46
CA GLU A 187 2.49 11.18 -7.65
C GLU A 187 1.20 10.89 -8.40
N ILE A 188 0.05 10.96 -7.73
CA ILE A 188 -1.22 10.57 -8.32
C ILE A 188 -2.12 11.78 -8.56
N ALA A 189 -2.24 12.65 -7.56
CA ALA A 189 -3.20 13.75 -7.58
C ALA A 189 -2.63 15.05 -8.11
N ASN A 190 -1.38 15.05 -8.57
CA ASN A 190 -0.76 16.26 -9.13
C ASN A 190 -0.81 17.41 -8.14
N SER A 191 -0.59 17.09 -6.86
CA SER A 191 -0.66 18.09 -5.78
C SER A 191 0.61 18.06 -4.96
N PRO A 192 1.75 18.47 -5.54
CA PRO A 192 3.01 18.44 -4.78
C PRO A 192 3.00 19.33 -3.55
N GLU A 193 2.34 20.48 -3.60
CA GLU A 193 2.32 21.34 -2.41
C GLU A 193 1.60 20.67 -1.25
N GLU A 194 0.46 20.01 -1.52
CA GLU A 194 -0.22 19.28 -0.46
C GLU A 194 0.65 18.13 0.04
N ALA A 195 1.37 17.47 -0.87
CA ALA A 195 2.24 16.37 -0.45
C ALA A 195 3.32 16.85 0.51
N ILE A 196 3.94 17.98 0.18
CA ILE A 196 5.01 18.53 1.02
C ILE A 196 4.44 19.04 2.34
N SER A 197 3.31 19.72 2.30
CA SER A 197 2.69 20.22 3.53
C SER A 197 2.36 19.07 4.47
N LEU A 198 1.77 18.00 3.93
CA LEU A 198 1.39 16.89 4.78
C LEU A 198 2.60 16.21 5.40
N ALA A 199 3.65 15.98 4.60
CA ALA A 199 4.85 15.34 5.13
C ALA A 199 5.52 16.21 6.20
N LYS A 200 5.60 17.52 5.96
CA LYS A 200 6.24 18.41 6.93
C LYS A 200 5.45 18.49 8.23
N THR A 201 4.13 18.72 8.13
CA THR A 201 3.31 18.82 9.33
C THR A 201 3.32 17.52 10.12
N THR A 202 3.26 16.38 9.41
CA THR A 202 3.31 15.09 10.09
C THR A 202 4.65 14.91 10.80
N PHE A 203 5.75 15.26 10.13
CA PHE A 203 7.07 15.14 10.75
C PHE A 203 7.18 16.01 12.00
N ASP A 204 6.78 17.27 11.89
CA ASP A 204 6.96 18.21 13.01
C ASP A 204 6.10 17.82 14.20
N GLU A 205 4.87 17.38 13.95
CA GLU A 205 4.02 17.00 15.07
C GLU A 205 4.51 15.71 15.71
N ALA A 206 5.11 14.80 14.93
CA ALA A 206 5.68 13.62 15.55
C ALA A 206 6.91 13.98 16.38
N MET A 207 7.76 14.84 15.85
CA MET A 207 8.95 15.28 16.58
C MET A 207 8.60 15.79 17.98
N ALA A 208 7.54 16.59 18.07
CA ALA A 208 7.17 17.20 19.34
C ALA A 208 6.59 16.21 20.33
N ASP A 209 6.26 15.00 19.89
CA ASP A 209 5.67 13.96 20.72
C ASP A 209 6.67 12.86 21.09
N LEU A 210 7.87 12.88 20.50
CA LEU A 210 8.87 11.83 20.77
C LEU A 210 9.21 11.77 22.25
N HIS A 211 9.12 12.88 22.97
CA HIS A 211 9.56 12.88 24.37
C HIS A 211 8.73 11.97 25.26
N THR A 212 7.53 11.60 24.81
CA THR A 212 6.62 10.74 25.57
C THR A 212 6.95 9.26 25.46
N LEU A 213 7.87 8.88 24.57
CA LEU A 213 8.02 7.50 24.14
C LEU A 213 9.17 6.78 24.84
N SER A 214 9.03 5.46 24.96
CA SER A 214 10.13 4.60 25.34
C SER A 214 11.19 4.56 24.24
N GLU A 215 12.33 3.95 24.58
CA GLU A 215 13.39 3.78 23.60
C GLU A 215 12.92 2.98 22.39
N ASP A 216 12.14 1.93 22.61
CA ASP A 216 11.73 1.08 21.49
C ASP A 216 10.65 1.76 20.64
N SER A 217 9.70 2.46 21.28
CA SER A 217 8.71 3.19 20.50
C SER A 217 9.37 4.34 19.74
N TYR A 218 10.37 4.98 20.36
CA TYR A 218 11.11 6.04 19.71
C TYR A 218 11.79 5.54 18.44
N LYS A 219 12.38 4.34 18.51
CA LYS A 219 12.99 3.73 17.32
C LYS A 219 11.96 3.50 16.23
N ASP A 220 10.79 2.96 16.59
CA ASP A 220 9.74 2.69 15.60
C ASP A 220 9.29 3.97 14.92
N SER A 221 9.06 5.02 15.70
CA SER A 221 8.53 6.25 15.13
C SER A 221 9.57 6.99 14.31
N THR A 222 10.80 7.09 14.81
CA THR A 222 11.81 7.84 14.07
C THR A 222 12.15 7.16 12.76
N LEU A 223 11.97 5.84 12.68
CA LEU A 223 12.22 5.15 11.41
C LEU A 223 11.31 5.70 10.31
N ILE A 224 10.02 5.84 10.61
CA ILE A 224 9.11 6.34 9.59
C ILE A 224 9.26 7.85 9.42
N MET A 225 9.62 8.56 10.48
CA MET A 225 9.88 9.99 10.33
C MET A 225 11.01 10.23 9.34
N GLN A 226 12.02 9.36 9.35
CA GLN A 226 13.13 9.51 8.41
C GLN A 226 12.66 9.35 6.97
N LEU A 227 11.68 8.48 6.74
CA LEU A 227 11.12 8.35 5.39
C LEU A 227 10.38 9.62 4.98
N LEU A 228 9.64 10.23 5.91
CA LEU A 228 9.04 11.53 5.61
C LEU A 228 10.11 12.55 5.23
N ARG A 229 11.19 12.60 6.01
CA ARG A 229 12.28 13.52 5.69
C ARG A 229 12.91 13.19 4.34
N ASP A 230 13.10 11.90 4.05
CA ASP A 230 13.70 11.52 2.76
C ASP A 230 12.84 12.03 1.61
N ASN A 231 11.52 11.89 1.70
CA ASN A 231 10.66 12.39 0.65
C ASN A 231 10.73 13.91 0.54
N LEU A 232 10.74 14.61 1.69
CA LEU A 232 10.84 16.06 1.65
C LEU A 232 12.13 16.51 0.99
N THR A 233 13.23 15.80 1.25
CA THR A 233 14.49 16.13 0.60
C THR A 233 14.43 15.87 -0.90
N LEU A 234 13.74 14.80 -1.29
CA LEU A 234 13.56 14.52 -2.71
C LEU A 234 12.75 15.60 -3.41
N TRP A 235 11.82 16.23 -2.69
CA TRP A 235 10.82 17.12 -3.28
C TRP A 235 11.15 18.59 -3.15
N THR A 236 12.20 18.94 -2.43
CA THR A 236 12.52 20.35 -2.17
C THR A 236 13.99 20.63 -2.47
N PHE B 4 11.86 6.79 -7.07
CA PHE B 4 10.53 6.87 -6.50
C PHE B 4 10.56 7.26 -5.01
N PRO B 5 9.49 7.89 -4.54
CA PRO B 5 9.43 8.26 -3.12
C PRO B 5 9.11 7.06 -2.24
N ALA B 6 9.42 7.22 -0.95
CA ALA B 6 9.24 6.13 0.00
C ALA B 6 7.79 5.98 0.42
N TPO B 7 7.31 4.73 0.45
CA TPO B 7 5.99 4.38 1.02
CB TPO B 7 4.97 4.09 -0.10
CG2 TPO B 7 4.56 5.38 -0.82
OG1 TPO B 7 5.62 3.17 -0.97
P TPO B 7 4.67 2.42 -2.05
O1P TPO B 7 5.55 1.12 -2.42
O2P TPO B 7 4.55 3.31 -3.23
O3P TPO B 7 3.26 2.00 -1.40
C TPO B 7 6.21 3.15 1.89
O TPO B 7 7.21 2.45 1.73
N VAL B 8 5.30 2.92 2.84
CA VAL B 8 5.40 1.73 3.67
C VAL B 8 4.15 0.90 3.68
MG MG C . -10.51 -24.64 12.56
MG MG D . -5.21 -2.60 -19.41
C13 GF8 E . 3.38 -0.10 8.16
C15 GF8 E . 4.62 -0.68 8.43
C02 GF8 E . 4.97 -4.87 9.07
C03 GF8 E . 5.94 -4.35 10.12
C05 GF8 E . 6.84 -2.19 9.52
C07 GF8 E . 6.81 -0.68 9.70
C08 GF8 E . 5.46 -0.09 9.38
C09 GF8 E . 5.04 1.06 10.04
C10 GF8 E . 3.79 1.64 9.77
C11 GF8 E . 2.98 1.05 8.83
N04 GF8 E . 5.96 -2.90 10.21
O06 GF8 E . 7.64 -2.69 8.76
S01 GF8 E . 3.28 -4.35 9.47
CL1 GF8 E . 1.36 1.75 8.45
CL2 GF8 E . 2.28 -0.81 6.95
#